data_3SRS
#
_entry.id   3SRS
#
_cell.length_a   79.302
_cell.length_b   79.302
_cell.length_c   107.373
_cell.angle_alpha   90.000
_cell.angle_beta   90.000
_cell.angle_gamma   120.000
#
_symmetry.space_group_name_H-M   'P 61 2 2'
#
loop_
_entity.id
_entity.type
_entity.pdbx_description
1 polymer 'Dihydrofolate reductase'
2 non-polymer 7-(5-bromo-2-ethoxyphenyl)-6-methylquinazoline-2,4-diamine
3 non-polymer 'NADP NICOTINAMIDE-ADENINE-DINUCLEOTIDE PHOSPHATE'
4 water water
#
_entity_poly.entity_id   1
_entity_poly.type   'polypeptide(L)'
_entity_poly.pdbx_seq_one_letter_code
;MTLSILVAHDLQRVIGFENQLPWHLPNDLKHVKKLSTGHTLVMGRKTFESIGKPLPNRRNVVLTSDTSFNVEGVDVIHSI
EDIYQLPGHVFIFGGQTLFEEMIDKVDDMYITVIEGKFRGDTFFPPYTFEDWEVASSVEGKLDEKNTIPHTFLHLIRKKL
EHHHHHH
;
_entity_poly.pdbx_strand_id   X
#
loop_
_chem_comp.id
_chem_comp.type
_chem_comp.name
_chem_comp.formula
M23 non-polymer 7-(5-bromo-2-ethoxyphenyl)-6-methylquinazoline-2,4-diamine 'C17 H17 Br N4 O'
NAP non-polymer 'NADP NICOTINAMIDE-ADENINE-DINUCLEOTIDE PHOSPHATE' 'C21 H28 N7 O17 P3'
#
# COMPACT_ATOMS: atom_id res chain seq x y z
N THR A 2 3.33 -11.22 -10.58
CA THR A 2 4.10 -10.65 -9.44
C THR A 2 3.14 -10.15 -8.36
N LEU A 3 3.49 -10.41 -7.11
CA LEU A 3 2.71 -9.95 -5.97
C LEU A 3 3.61 -9.04 -5.16
N SER A 4 3.19 -7.79 -5.01
CA SER A 4 4.02 -6.78 -4.34
C SER A 4 3.22 -6.11 -3.22
N ILE A 5 3.91 -5.61 -2.20
CA ILE A 5 3.31 -4.65 -1.28
C ILE A 5 3.61 -3.23 -1.78
N LEU A 6 2.63 -2.35 -1.58
CA LEU A 6 2.79 -0.93 -1.82
C LEU A 6 2.40 -0.26 -0.52
N VAL A 7 3.28 0.55 0.07
CA VAL A 7 2.96 1.19 1.36
C VAL A 7 3.78 2.47 1.54
N ALA A 8 3.20 3.43 2.27
CA ALA A 8 3.95 4.56 2.83
C ALA A 8 3.92 4.40 4.34
N HIS A 9 5.11 4.43 4.96
CA HIS A 9 5.16 4.37 6.44
C HIS A 9 6.21 5.31 6.97
N ASP A 10 6.01 5.79 8.19
CA ASP A 10 6.93 6.80 8.73
C ASP A 10 8.12 6.12 9.44
N LEU A 11 8.92 6.92 10.14
CA LEU A 11 10.13 6.42 10.77
C LEU A 11 9.88 5.32 11.81
N GLN A 12 8.66 5.28 12.34
CA GLN A 12 8.25 4.31 13.35
C GLN A 12 7.20 3.33 12.83
N ARG A 13 7.10 3.29 11.49
CA ARG A 13 6.18 2.42 10.73
C ARG A 13 4.69 2.75 10.89
N VAL A 14 4.38 3.96 11.35
CA VAL A 14 2.99 4.42 11.28
C VAL A 14 2.52 4.44 9.82
N ILE A 15 1.30 3.94 9.58
CA ILE A 15 0.67 4.03 8.26
C ILE A 15 -0.65 4.81 8.23
N GLY A 16 -1.28 5.00 9.38
CA GLY A 16 -2.62 5.60 9.38
C GLY A 16 -3.00 6.19 10.71
N PHE A 17 -4.01 7.05 10.67
CA PHE A 17 -4.60 7.59 11.88
C PHE A 17 -6.05 7.93 11.56
N GLU A 18 -6.95 7.38 12.37
CA GLU A 18 -8.39 7.62 12.18
C GLU A 18 -8.85 7.38 10.74
N ASN A 19 -8.42 6.25 10.20
CA ASN A 19 -8.81 5.81 8.85
C ASN A 19 -8.39 6.69 7.69
N GLN A 20 -7.36 7.50 7.92
CA GLN A 20 -6.77 8.30 6.84
C GLN A 20 -5.26 8.31 6.99
N LEU A 21 -4.56 8.86 5.98
CA LEU A 21 -3.10 9.05 6.11
C LEU A 21 -2.77 10.17 7.08
N PRO A 22 -1.72 10.00 7.89
CA PRO A 22 -1.31 11.07 8.80
C PRO A 22 -0.68 12.31 8.13
N TRP A 23 -0.30 12.17 6.86
CA TRP A 23 0.49 13.19 6.17
C TRP A 23 -0.18 13.61 4.88
N HIS A 24 0.17 14.81 4.43
CA HIS A 24 -0.22 15.28 3.09
C HIS A 24 1.04 15.27 2.23
N LEU A 25 1.07 14.40 1.24
CA LEU A 25 2.26 14.27 0.41
C LEU A 25 1.88 13.92 -1.03
N PRO A 26 1.53 14.95 -1.83
CA PRO A 26 1.11 14.72 -3.21
C PRO A 26 2.03 13.79 -4.02
N ASN A 27 3.34 13.92 -3.86
CA ASN A 27 4.29 13.09 -4.60
C ASN A 27 4.13 11.59 -4.34
N ASP A 28 3.71 11.21 -3.14
CA ASP A 28 3.47 9.78 -2.87
C ASP A 28 2.28 9.28 -3.68
N LEU A 29 1.24 10.10 -3.82
CA LEU A 29 0.09 9.68 -4.60
C LEU A 29 0.48 9.55 -6.07
N LYS A 30 1.35 10.45 -6.55
CA LYS A 30 1.89 10.34 -7.91
C LYS A 30 2.66 9.02 -8.12
N HIS A 31 3.45 8.67 -7.11
CA HIS A 31 4.20 7.41 -7.07
C HIS A 31 3.27 6.20 -7.18
N VAL A 32 2.20 6.21 -6.38
CA VAL A 32 1.20 5.16 -6.40
C VAL A 32 0.56 5.06 -7.79
N LYS A 33 0.21 6.21 -8.36
CA LYS A 33 -0.40 6.28 -9.69
C LYS A 33 0.53 5.65 -10.73
N LYS A 34 1.80 6.00 -10.68
CA LYS A 34 2.77 5.55 -11.67
C LYS A 34 2.98 4.03 -11.58
N LEU A 35 3.10 3.52 -10.35
CA LEU A 35 3.33 2.07 -10.16
C LEU A 35 2.12 1.20 -10.51
N SER A 36 0.92 1.65 -10.13
CA SER A 36 -0.25 0.75 -10.14
C SER A 36 -1.25 0.95 -11.28
N THR A 37 -1.14 2.06 -12.02
CA THR A 37 -2.00 2.29 -13.19
C THR A 37 -1.83 1.12 -14.16
N GLY A 38 -2.96 0.56 -14.58
CA GLY A 38 -2.93 -0.56 -15.52
C GLY A 38 -2.70 -1.90 -14.86
N HIS A 39 -2.66 -1.93 -13.51
CA HIS A 39 -2.41 -3.15 -12.75
C HIS A 39 -3.54 -3.43 -11.77
N THR A 40 -3.28 -4.14 -10.68
CA THR A 40 -4.35 -4.51 -9.75
C THR A 40 -3.97 -4.10 -8.34
N LEU A 41 -4.93 -3.51 -7.63
CA LEU A 41 -4.80 -3.18 -6.22
C LEU A 41 -5.75 -4.09 -5.44
N VAL A 42 -5.21 -4.70 -4.38
CA VAL A 42 -5.99 -5.46 -3.40
C VAL A 42 -5.94 -4.71 -2.07
N MET A 43 -7.12 -4.37 -1.53
CA MET A 43 -7.18 -3.63 -0.27
C MET A 43 -8.23 -4.16 0.68
N GLY A 44 -8.04 -3.91 1.97
CA GLY A 44 -9.08 -4.26 2.95
C GLY A 44 -10.26 -3.32 2.84
N ARG A 45 -11.34 -3.69 3.52
CA ARG A 45 -12.60 -2.95 3.44
C ARG A 45 -12.44 -1.52 3.96
N LYS A 46 -11.71 -1.37 5.07
CA LYS A 46 -11.58 -0.06 5.69
C LYS A 46 -10.84 0.89 4.76
N THR A 47 -9.73 0.43 4.20
CA THR A 47 -8.99 1.21 3.21
C THR A 47 -9.88 1.66 2.05
N PHE A 48 -10.71 0.74 1.55
CA PHE A 48 -11.60 1.10 0.48
C PHE A 48 -12.56 2.21 0.90
N GLU A 49 -13.18 2.03 2.07
CA GLU A 49 -14.14 3.03 2.54
C GLU A 49 -13.47 4.39 2.77
N SER A 50 -12.18 4.38 3.14
CA SER A 50 -11.36 5.59 3.29
C SER A 50 -11.21 6.38 2.00
N ILE A 51 -10.99 5.68 0.91
CA ILE A 51 -10.82 6.34 -0.40
C ILE A 51 -12.19 6.65 -1.00
N GLY A 52 -13.19 5.82 -0.68
CA GLY A 52 -14.60 6.12 -1.00
C GLY A 52 -15.09 5.70 -2.38
N LYS A 53 -14.15 5.55 -3.31
CA LYS A 53 -14.44 5.09 -4.68
C LYS A 53 -13.21 4.38 -5.24
N PRO A 54 -13.39 3.48 -6.23
CA PRO A 54 -12.20 2.82 -6.77
C PRO A 54 -11.27 3.81 -7.48
N LEU A 55 -9.98 3.55 -7.45
CA LEU A 55 -9.01 4.39 -8.14
C LEU A 55 -9.11 4.10 -9.65
N PRO A 56 -9.14 5.16 -10.48
CA PRO A 56 -9.31 4.96 -11.92
C PRO A 56 -8.14 4.24 -12.58
N ASN A 57 -8.45 3.56 -13.69
CA ASN A 57 -7.43 3.04 -14.60
C ASN A 57 -6.62 1.88 -14.03
N ARG A 58 -7.20 1.17 -13.08
CA ARG A 58 -6.62 -0.08 -12.59
C ARG A 58 -7.74 -0.92 -12.02
N ARG A 59 -7.45 -2.20 -11.83
CA ARG A 59 -8.42 -3.09 -11.19
C ARG A 59 -8.37 -2.88 -9.69
N ASN A 60 -9.53 -2.60 -9.11
CA ASN A 60 -9.67 -2.45 -7.65
C ASN A 60 -10.35 -3.67 -7.07
N VAL A 61 -9.64 -4.36 -6.18
CA VAL A 61 -10.16 -5.56 -5.52
C VAL A 61 -10.25 -5.29 -4.02
N VAL A 62 -11.41 -5.56 -3.43
CA VAL A 62 -11.61 -5.32 -2.00
C VAL A 62 -11.84 -6.66 -1.28
N LEU A 63 -11.05 -6.85 -0.21
CA LEU A 63 -11.18 -8.02 0.67
C LEU A 63 -12.05 -7.66 1.88
N THR A 64 -13.16 -8.37 2.02
CA THR A 64 -14.13 -8.15 3.08
C THR A 64 -14.88 -9.44 3.39
N SER A 65 -15.35 -9.59 4.63
CA SER A 65 -16.26 -10.70 4.98
C SER A 65 -17.70 -10.38 4.63
N ASP A 66 -17.99 -9.13 4.23
CA ASP A 66 -19.36 -8.71 3.97
C ASP A 66 -19.88 -9.28 2.65
N THR A 67 -20.80 -10.25 2.76
CA THR A 67 -21.34 -10.90 1.55
C THR A 67 -22.34 -10.01 0.82
N SER A 68 -22.67 -8.86 1.42
CA SER A 68 -23.52 -7.88 0.77
C SER A 68 -22.74 -6.84 -0.03
N PHE A 69 -21.41 -6.91 0.06
CA PHE A 69 -20.55 -6.00 -0.66
C PHE A 69 -20.61 -6.30 -2.16
N ASN A 70 -21.11 -5.33 -2.90
CA ASN A 70 -21.16 -5.41 -4.37
C ASN A 70 -21.18 -3.99 -4.90
N VAL A 71 -19.99 -3.43 -5.13
CA VAL A 71 -19.83 -2.02 -5.46
C VAL A 71 -19.41 -1.87 -6.92
N GLU A 72 -20.04 -0.96 -7.65
CA GLU A 72 -19.69 -0.69 -9.05
C GLU A 72 -18.22 -0.32 -9.21
N GLY A 73 -17.55 -0.97 -10.16
CA GLY A 73 -16.15 -0.70 -10.45
C GLY A 73 -15.17 -1.35 -9.49
N VAL A 74 -15.69 -2.20 -8.60
CA VAL A 74 -14.87 -2.92 -7.63
C VAL A 74 -15.17 -4.40 -7.74
N ASP A 75 -14.11 -5.21 -7.71
CA ASP A 75 -14.25 -6.66 -7.60
C ASP A 75 -14.07 -7.02 -6.14
N VAL A 76 -14.88 -7.94 -5.65
CA VAL A 76 -14.79 -8.32 -4.25
C VAL A 76 -14.19 -9.71 -4.11
N ILE A 77 -13.41 -9.89 -3.05
CA ILE A 77 -12.92 -11.21 -2.65
C ILE A 77 -13.20 -11.39 -1.17
N HIS A 78 -13.30 -12.64 -0.73
CA HIS A 78 -13.68 -12.93 0.67
C HIS A 78 -12.64 -13.76 1.43
N SER A 79 -11.53 -14.07 0.75
CA SER A 79 -10.45 -14.87 1.32
C SER A 79 -9.10 -14.36 0.84
N ILE A 80 -8.09 -14.49 1.69
CA ILE A 80 -6.71 -14.22 1.29
C ILE A 80 -6.34 -15.09 0.09
N GLU A 81 -6.78 -16.34 0.11
CA GLU A 81 -6.43 -17.29 -0.95
C GLU A 81 -6.87 -16.84 -2.34
N ASP A 82 -7.94 -16.03 -2.40
CA ASP A 82 -8.41 -15.45 -3.67
C ASP A 82 -7.39 -14.54 -4.35
N ILE A 83 -6.51 -13.93 -3.56
CA ILE A 83 -5.48 -13.04 -4.10
C ILE A 83 -4.60 -13.76 -5.13
N TYR A 84 -4.26 -15.00 -4.83
CA TYR A 84 -3.35 -15.79 -5.65
C TYR A 84 -3.89 -16.20 -7.02
N GLN A 85 -5.20 -16.01 -7.23
CA GLN A 85 -5.87 -16.33 -8.50
C GLN A 85 -6.03 -15.10 -9.39
N LEU A 86 -5.60 -13.94 -8.89
CA LEU A 86 -5.67 -12.69 -9.63
C LEU A 86 -4.50 -12.60 -10.60
N PRO A 87 -4.79 -12.38 -11.89
CA PRO A 87 -3.77 -12.26 -12.95
C PRO A 87 -2.95 -10.97 -12.88
N GLY A 88 -1.75 -11.01 -13.44
CA GLY A 88 -0.94 -9.82 -13.66
C GLY A 88 -0.19 -9.35 -12.43
N HIS A 89 0.22 -8.09 -12.44
CA HIS A 89 0.92 -7.50 -11.30
C HIS A 89 -0.09 -7.05 -10.25
N VAL A 90 -0.04 -7.69 -9.09
CA VAL A 90 -0.97 -7.39 -8.01
C VAL A 90 -0.21 -6.66 -6.89
N PHE A 91 -0.75 -5.51 -6.49
CA PHE A 91 -0.21 -4.73 -5.38
C PHE A 91 -1.13 -4.85 -4.16
N ILE A 92 -0.57 -5.36 -3.07
CA ILE A 92 -1.26 -5.29 -1.77
C ILE A 92 -1.20 -3.83 -1.30
N PHE A 93 -2.39 -3.22 -1.15
CA PHE A 93 -2.55 -1.76 -1.07
C PHE A 93 -2.86 -1.29 0.37
N GLY A 94 -3.03 -2.24 1.30
CA GLY A 94 -3.32 -1.91 2.70
C GLY A 94 -4.69 -2.40 3.14
N GLY A 95 -5.08 -2.17 4.40
CA GLY A 95 -4.30 -1.39 5.36
C GLY A 95 -3.50 -2.31 6.28
N GLN A 96 -3.45 -1.97 7.56
CA GLN A 96 -2.62 -2.74 8.50
C GLN A 96 -2.90 -4.24 8.42
N THR A 97 -4.18 -4.61 8.42
CA THR A 97 -4.53 -6.03 8.45
C THR A 97 -4.01 -6.78 7.21
N LEU A 98 -4.26 -6.22 6.03
CA LEU A 98 -3.70 -6.79 4.79
C LEU A 98 -2.18 -6.90 4.79
N PHE A 99 -1.50 -5.84 5.24
CA PHE A 99 -0.04 -5.88 5.27
C PHE A 99 0.46 -6.98 6.20
N GLU A 100 -0.15 -7.11 7.37
CA GLU A 100 0.22 -8.14 8.33
C GLU A 100 0.01 -9.52 7.73
N GLU A 101 -1.10 -9.68 7.01
CA GLU A 101 -1.43 -10.97 6.41
C GLU A 101 -0.53 -11.34 5.22
N MET A 102 0.08 -10.36 4.56
CA MET A 102 0.74 -10.58 3.28
C MET A 102 2.26 -10.37 3.26
N ILE A 103 2.81 -9.75 4.30
CA ILE A 103 4.23 -9.41 4.25
C ILE A 103 5.13 -10.65 4.07
N ASP A 104 4.72 -11.79 4.64
CA ASP A 104 5.48 -13.03 4.45
C ASP A 104 5.27 -13.71 3.09
N LYS A 105 4.33 -13.21 2.28
CA LYS A 105 3.92 -13.89 1.05
C LYS A 105 4.35 -13.17 -0.22
N VAL A 106 4.60 -11.85 -0.12
CA VAL A 106 4.85 -11.04 -1.32
C VAL A 106 6.28 -11.21 -1.85
N ASP A 107 6.46 -10.97 -3.15
CA ASP A 107 7.75 -11.06 -3.83
C ASP A 107 8.66 -9.87 -3.47
N ASP A 108 8.04 -8.72 -3.31
CA ASP A 108 8.76 -7.46 -3.12
C ASP A 108 7.85 -6.42 -2.49
N MET A 109 8.45 -5.29 -2.15
CA MET A 109 7.75 -4.18 -1.54
C MET A 109 8.21 -2.85 -2.12
N TYR A 110 7.25 -1.99 -2.42
CA TYR A 110 7.50 -0.62 -2.85
C TYR A 110 7.08 0.25 -1.68
N ILE A 111 8.08 0.72 -0.94
CA ILE A 111 7.83 1.48 0.28
C ILE A 111 8.19 2.92 0.07
N THR A 112 7.31 3.83 0.50
CA THR A 112 7.68 5.21 0.64
C THR A 112 7.95 5.43 2.13
N VAL A 113 9.22 5.63 2.47
CA VAL A 113 9.57 5.96 3.87
C VAL A 113 9.34 7.46 4.07
N ILE A 114 8.38 7.77 4.93
CA ILE A 114 8.08 9.15 5.28
C ILE A 114 9.00 9.48 6.45
N GLU A 115 9.94 10.38 6.20
CA GLU A 115 11.05 10.60 7.14
C GLU A 115 10.68 11.57 8.24
N GLY A 116 9.59 11.25 8.94
CA GLY A 116 9.11 12.02 10.09
C GLY A 116 8.47 11.09 11.10
N LYS A 117 8.05 11.65 12.22
CA LYS A 117 7.35 10.89 13.27
C LYS A 117 5.96 11.48 13.49
N PHE A 118 4.95 10.68 13.11
CA PHE A 118 3.55 11.10 13.15
C PHE A 118 2.78 10.35 14.24
N ARG A 119 1.66 10.92 14.68
CA ARG A 119 0.73 10.17 15.53
C ARG A 119 0.00 9.16 14.66
N GLY A 120 0.05 7.89 15.05
CA GLY A 120 -0.65 6.83 14.30
C GLY A 120 -1.49 5.93 15.20
N ASP A 121 -2.47 5.27 14.58
CA ASP A 121 -3.18 4.20 15.26
C ASP A 121 -3.10 2.88 14.50
N THR A 122 -2.38 2.90 13.38
CA THR A 122 -2.17 1.70 12.59
C THR A 122 -0.74 1.69 12.04
N PHE A 123 -0.16 0.50 11.92
CA PHE A 123 1.27 0.34 11.65
C PHE A 123 1.56 -0.71 10.59
N PHE A 124 2.68 -0.53 9.89
CA PHE A 124 3.20 -1.55 9.01
C PHE A 124 3.98 -2.51 9.94
N PRO A 125 3.94 -3.83 9.67
CA PRO A 125 4.67 -4.77 10.55
C PRO A 125 6.19 -4.58 10.47
N PRO A 126 6.92 -4.88 11.55
CA PRO A 126 8.39 -4.83 11.54
C PRO A 126 8.96 -5.73 10.46
N TYR A 127 10.04 -5.29 9.85
CA TYR A 127 10.79 -6.10 8.89
C TYR A 127 12.27 -5.76 9.01
N THR A 128 13.12 -6.62 8.50
CA THR A 128 14.56 -6.44 8.64
C THR A 128 15.22 -6.52 7.28
N PHE A 129 16.21 -5.66 7.03
CA PHE A 129 16.97 -5.68 5.77
C PHE A 129 17.83 -6.93 5.60
N GLU A 130 17.88 -7.77 6.63
CA GLU A 130 18.52 -9.10 6.50
C GLU A 130 17.74 -9.97 5.52
N ASP A 131 16.44 -9.68 5.38
CA ASP A 131 15.54 -10.49 4.56
C ASP A 131 15.25 -9.85 3.21
N TRP A 132 15.64 -8.58 3.04
CA TRP A 132 15.22 -7.78 1.88
C TRP A 132 16.39 -7.06 1.26
N GLU A 133 16.59 -7.27 -0.03
CA GLU A 133 17.64 -6.56 -0.78
C GLU A 133 17.11 -5.24 -1.29
N VAL A 134 17.94 -4.18 -1.19
CA VAL A 134 17.50 -2.86 -1.66
C VAL A 134 17.74 -2.79 -3.17
N ALA A 135 16.68 -3.01 -3.95
CA ALA A 135 16.78 -2.94 -5.40
C ALA A 135 17.01 -1.49 -5.86
N SER A 136 16.39 -0.56 -5.12
CA SER A 136 16.63 0.87 -5.37
C SER A 136 16.17 1.68 -4.16
N SER A 137 16.79 2.85 -4.03
CA SER A 137 16.47 3.81 -2.97
C SER A 137 16.66 5.18 -3.62
N VAL A 138 15.56 5.94 -3.64
CA VAL A 138 15.49 7.21 -4.35
C VAL A 138 14.89 8.27 -3.43
N GLU A 139 15.65 9.33 -3.18
CA GLU A 139 15.15 10.43 -2.35
C GLU A 139 14.08 11.22 -3.09
N GLY A 140 12.97 11.47 -2.42
CA GLY A 140 11.89 12.25 -2.98
C GLY A 140 12.29 13.71 -3.02
N LYS A 141 11.83 14.40 -4.06
CA LYS A 141 12.14 15.80 -4.20
C LYS A 141 11.14 16.62 -3.41
N LEU A 142 11.64 17.64 -2.72
CA LEU A 142 10.81 18.48 -1.88
C LEU A 142 10.54 19.82 -2.55
N ASP A 143 9.35 20.34 -2.30
CA ASP A 143 8.98 21.68 -2.76
C ASP A 143 7.88 22.24 -1.88
N GLU A 144 7.25 23.32 -2.34
CA GLU A 144 6.15 23.96 -1.61
C GLU A 144 5.01 23.00 -1.28
N LYS A 145 4.67 22.11 -2.21
CA LYS A 145 3.56 21.16 -2.01
C LYS A 145 3.97 19.88 -1.27
N ASN A 146 5.28 19.61 -1.26
CA ASN A 146 5.80 18.34 -0.76
C ASN A 146 6.96 18.58 0.20
N THR A 147 6.63 18.75 1.47
CA THR A 147 7.55 19.38 2.39
C THR A 147 8.12 18.41 3.43
N ILE A 148 7.63 17.17 3.40
CA ILE A 148 8.11 16.11 4.29
C ILE A 148 9.15 15.27 3.53
N PRO A 149 10.37 15.12 4.08
CA PRO A 149 11.36 14.28 3.38
C PRO A 149 10.84 12.84 3.27
N HIS A 150 11.13 12.22 2.13
CA HIS A 150 10.66 10.87 1.91
C HIS A 150 11.59 10.16 0.97
N THR A 151 11.62 8.83 1.08
CA THR A 151 12.48 8.01 0.22
C THR A 151 11.67 6.86 -0.35
N PHE A 152 11.80 6.63 -1.65
CA PHE A 152 11.13 5.51 -2.31
C PHE A 152 12.12 4.35 -2.31
N LEU A 153 11.75 3.29 -1.58
CA LEU A 153 12.52 2.04 -1.56
C LEU A 153 11.81 0.95 -2.35
N HIS A 154 12.58 0.21 -3.14
CA HIS A 154 12.07 -1.03 -3.69
C HIS A 154 12.90 -2.16 -3.08
N LEU A 155 12.23 -3.00 -2.30
CA LEU A 155 12.89 -4.11 -1.60
C LEU A 155 12.44 -5.42 -2.21
N ILE A 156 13.38 -6.33 -2.44
CA ILE A 156 13.06 -7.63 -3.03
C ILE A 156 13.47 -8.70 -2.01
N ARG A 157 12.58 -9.67 -1.79
CA ARG A 157 12.87 -10.71 -0.80
C ARG A 157 14.11 -11.51 -1.22
N LYS A 158 15.04 -11.67 -0.28
CA LYS A 158 16.28 -12.41 -0.52
C LYS A 158 16.00 -13.90 -0.67
BR M23 B . -5.90 9.10 -3.25
C1 M23 B . -0.34 2.67 -0.37
N2 M23 B . 0.94 3.05 -0.57
C3 M23 B . 1.29 4.36 -0.70
N4 M23 B . 0.40 5.38 -0.62
C5 M23 B . -0.93 5.12 -0.44
C6 M23 B . -1.38 3.73 -0.30
C7 M23 B . -2.72 3.39 -0.11
C8 M23 B . -3.65 4.41 -0.06
C9 M23 B . -3.22 5.83 -0.20
C10 M23 B . -1.86 6.16 -0.40
N11 M23 B . -0.70 1.39 -0.21
N12 M23 B . 2.60 4.69 -0.90
C13 M23 B . -5.11 4.01 0.14
C14 M23 B . -4.31 6.82 -0.19
C15 M23 B . -5.15 7.10 0.99
C16 M23 B . -6.20 8.02 0.84
C17 M23 B . -6.42 8.62 -0.41
C18 M23 B . -5.64 8.33 -1.52
C19 M23 B . -4.60 7.41 -1.42
O21 M23 B . -4.86 6.44 2.15
C22 M23 B . -5.76 6.44 3.27
C23 M23 B . -6.36 5.08 3.47
PA NAP C . -7.92 -2.55 6.41
O1A NAP C . -6.80 -3.52 6.36
O2A NAP C . -7.93 -1.51 5.35
O5B NAP C . -9.34 -3.30 6.36
C5B NAP C . -9.63 -4.25 7.37
C4B NAP C . -10.83 -5.02 6.87
O4B NAP C . -10.39 -5.78 5.75
C3B NAP C . -11.37 -6.05 7.85
O3B NAP C . -12.17 -5.51 8.88
C2B NAP C . -12.11 -6.96 6.87
O2B NAP C . -13.26 -6.31 6.40
C1B NAP C . -11.13 -6.99 5.70
N9A NAP C . -10.23 -8.15 5.76
C8A NAP C . -8.87 -8.17 6.02
N7A NAP C . -8.43 -9.46 5.96
C5A NAP C . -9.50 -10.25 5.66
C6A NAP C . -9.65 -11.63 5.46
N6A NAP C . -8.62 -12.46 5.58
N1A NAP C . -10.91 -12.13 5.16
C2A NAP C . -12.00 -11.30 5.01
N3A NAP C . -11.84 -9.94 5.22
C4A NAP C . -10.62 -9.43 5.52
O3 NAP C . -8.01 -1.92 7.87
PN NAP C . -6.95 -1.49 8.98
O1N NAP C . -6.12 -2.69 9.28
O2N NAP C . -7.67 -0.83 10.08
O5D NAP C . -6.02 -0.41 8.21
C5D NAP C . -6.57 0.85 7.89
C4D NAP C . -5.54 1.94 8.16
O4D NAP C . -4.50 1.79 7.20
C3D NAP C . -6.15 3.34 7.95
O3D NAP C . -5.65 4.26 8.90
C2D NAP C . -5.63 3.75 6.59
O2D NAP C . -5.49 5.16 6.47
C1D NAP C . -4.28 3.05 6.59
N1N NAP C . -3.67 2.78 5.29
C2N NAP C . -2.41 3.25 5.11
C3N NAP C . -1.74 3.03 3.93
C7N NAP C . -0.35 3.55 3.79
O7N NAP C . 0.42 2.94 2.85
N7N NAP C . 0.17 4.53 4.56
C4N NAP C . -2.35 2.25 2.93
C5N NAP C . -3.65 1.77 3.12
C6N NAP C . -4.31 2.03 4.32
P2B NAP C . -14.71 -6.59 7.03
O1X NAP C . -15.70 -5.83 6.18
O2X NAP C . -14.93 -8.10 6.97
O3X NAP C . -14.74 -6.11 8.47
#